data_6EK3
#
_entry.id   6EK3
#
_cell.length_a   45.200
_cell.length_b   68.890
_cell.length_c   161.430
_cell.angle_alpha   90.00
_cell.angle_beta   90.00
_cell.angle_gamma   90.00
#
_symmetry.space_group_name_H-M   'P 21 21 21'
#
loop_
_entity.id
_entity.type
_entity.pdbx_description
1 polymer 'Poly [ADP-ribose] polymerase 15'
2 non-polymer 4-(4-aminocarbonylphenoxy)benzamide
3 water water
#
_entity_poly.entity_id   1
_entity_poly.type   'polypeptide(L)'
_entity_poly.pdbx_seq_one_letter_code
;MHHHHHHSSGVDLGTENLYFQSMNLPEHWTDMNHQLFCMVQLEPGQSEYNTIKDKFTRTCSSYAIEKIERIQNAFLWQSY
QVKKRQMDIKNDHKNNERLLFHGTDADSVPYVNQHGFNRSCAGKNAVSYGKGTYFAVDASLSAKDTYSKPDSNGRKHMYV
VRVLTGVFTKGRAGLVTPPPKNPHNPTDLFDSVTNNTRSPKLFVVFFDNQAYPEYLITFTA
;
_entity_poly.pdbx_strand_id   A,B
#
# COMPACT_ATOMS: atom_id res chain seq x y z
N LEU A 25 17.09 7.85 -8.51
CA LEU A 25 16.25 8.64 -9.48
C LEU A 25 16.76 8.58 -10.92
N PRO A 26 15.89 8.15 -11.88
CA PRO A 26 16.27 7.75 -13.24
C PRO A 26 16.97 8.86 -14.02
N GLU A 27 17.96 8.47 -14.82
CA GLU A 27 18.80 9.40 -15.60
C GLU A 27 17.99 10.40 -16.46
N HIS A 28 16.96 9.92 -17.15
CA HIS A 28 16.13 10.78 -18.03
C HIS A 28 15.21 11.77 -17.32
N TRP A 29 15.05 11.64 -15.99
CA TRP A 29 14.36 12.67 -15.24
C TRP A 29 15.20 13.91 -15.36
N THR A 30 14.55 15.05 -15.33
CA THR A 30 15.29 16.27 -15.39
C THR A 30 15.36 16.83 -13.99
N ASP A 31 16.24 17.80 -13.81
CA ASP A 31 16.59 18.28 -12.47
C ASP A 31 15.38 18.80 -11.74
N MET A 32 15.27 18.39 -10.49
CA MET A 32 14.06 18.74 -9.75
CA MET A 32 14.11 18.63 -9.62
C MET A 32 14.21 19.98 -8.87
N ASN A 33 15.41 20.57 -8.84
CA ASN A 33 15.68 21.79 -8.03
C ASN A 33 15.29 21.50 -6.57
N HIS A 34 15.72 20.34 -6.06
CA HIS A 34 15.44 19.90 -4.68
C HIS A 34 13.95 19.67 -4.30
N GLN A 35 13.05 19.69 -5.28
CA GLN A 35 11.64 19.30 -5.11
C GLN A 35 11.58 17.76 -5.19
N LEU A 36 10.55 17.20 -4.58
CA LEU A 36 10.39 15.74 -4.63
C LEU A 36 9.26 15.31 -5.58
N PHE A 37 8.46 16.26 -6.04
CA PHE A 37 7.43 15.99 -7.07
C PHE A 37 7.39 17.08 -8.13
N CYS A 38 7.45 16.67 -9.39
CA CYS A 38 7.10 17.59 -10.46
CA CYS A 38 7.29 17.59 -10.52
C CYS A 38 6.63 16.87 -11.68
N MET A 39 5.79 17.57 -12.41
CA MET A 39 5.30 17.08 -13.68
C MET A 39 6.06 17.84 -14.77
N VAL A 40 6.71 17.13 -15.70
CA VAL A 40 7.55 17.80 -16.70
C VAL A 40 6.95 17.57 -18.06
N GLN A 41 6.57 18.66 -18.73
CA GLN A 41 6.00 18.53 -20.07
C GLN A 41 7.09 18.11 -21.07
N LEU A 42 6.83 17.05 -21.85
CA LEU A 42 7.84 16.54 -22.76
C LEU A 42 7.90 17.40 -24.02
N GLU A 43 9.10 17.52 -24.57
CA GLU A 43 9.30 18.24 -25.83
C GLU A 43 8.89 17.33 -26.99
N PRO A 44 7.91 17.77 -27.80
CA PRO A 44 7.52 16.99 -28.96
C PRO A 44 8.71 16.76 -29.91
N GLY A 45 8.70 15.61 -30.56
CA GLY A 45 9.72 15.27 -31.53
C GLY A 45 11.05 14.82 -31.00
N GLN A 46 11.22 14.76 -29.67
CA GLN A 46 12.42 14.16 -29.13
C GLN A 46 12.15 12.73 -28.76
N SER A 47 13.23 12.00 -28.55
CA SER A 47 13.22 10.55 -28.34
C SER A 47 12.13 10.06 -27.38
N GLU A 48 12.08 10.69 -26.22
CA GLU A 48 11.20 10.24 -25.15
C GLU A 48 9.73 10.45 -25.48
N TYR A 49 9.38 11.66 -25.92
CA TYR A 49 8.04 11.97 -26.38
C TYR A 49 7.63 11.02 -27.51
N ASN A 50 8.56 10.79 -28.46
CA ASN A 50 8.23 9.96 -29.60
C ASN A 50 7.87 8.54 -29.19
N THR A 51 8.67 7.98 -28.29
CA THR A 51 8.49 6.63 -27.78
C THR A 51 7.12 6.48 -27.13
N ILE A 52 6.75 7.42 -26.27
CA ILE A 52 5.51 7.30 -25.52
C ILE A 52 4.34 7.56 -26.47
N LYS A 53 4.46 8.58 -27.32
CA LYS A 53 3.41 8.83 -28.32
C LYS A 53 3.14 7.57 -29.17
N ASP A 54 4.21 6.93 -29.65
CA ASP A 54 4.08 5.71 -30.48
C ASP A 54 3.32 4.59 -29.77
N LYS A 55 3.56 4.44 -28.46
CA LYS A 55 2.84 3.41 -27.68
C LYS A 55 1.37 3.68 -27.70
N PHE A 56 1.00 4.96 -27.67
CA PHE A 56 -0.39 5.38 -27.64
C PHE A 56 -0.97 5.23 -29.05
N THR A 57 -0.25 5.74 -30.05
CA THR A 57 -0.85 5.79 -31.40
C THR A 57 -0.92 4.43 -32.05
N ARG A 58 -0.24 3.44 -31.48
CA ARG A 58 -0.35 2.05 -31.91
C ARG A 58 -1.82 1.62 -31.96
N THR A 59 -2.63 2.08 -31.02
CA THR A 59 -4.07 1.77 -31.00
C THR A 59 -5.03 2.97 -30.97
N CYS A 60 -4.51 4.21 -30.82
CA CYS A 60 -5.28 5.42 -30.66
C CYS A 60 -4.83 6.49 -31.65
N SER A 61 -4.52 6.05 -32.88
CA SER A 61 -4.00 7.01 -33.87
C SER A 61 -5.04 8.04 -34.30
N SER A 62 -6.33 7.83 -34.03
CA SER A 62 -7.37 8.81 -34.43
C SER A 62 -7.59 9.89 -33.39
N TYR A 63 -6.89 9.77 -32.25
CA TYR A 63 -7.06 10.76 -31.22
C TYR A 63 -6.14 11.97 -31.50
N ALA A 64 -6.25 13.02 -30.71
CA ALA A 64 -5.35 14.15 -30.83
C ALA A 64 -4.62 14.34 -29.49
N ILE A 65 -3.30 14.22 -29.51
CA ILE A 65 -2.48 14.41 -28.28
C ILE A 65 -2.22 15.89 -28.09
N GLU A 66 -2.61 16.41 -26.93
CA GLU A 66 -2.33 17.80 -26.61
CA GLU A 66 -2.35 17.82 -26.57
C GLU A 66 -0.97 17.93 -25.94
N LYS A 67 -0.67 17.02 -25.01
CA LYS A 67 0.65 17.05 -24.34
C LYS A 67 0.90 15.73 -23.67
N ILE A 68 2.18 15.47 -23.41
CA ILE A 68 2.59 14.30 -22.66
C ILE A 68 3.48 14.84 -21.54
N GLU A 69 3.21 14.41 -20.31
CA GLU A 69 3.98 14.91 -19.17
C GLU A 69 4.65 13.75 -18.47
N ARG A 70 5.89 13.95 -18.11
CA ARG A 70 6.62 12.95 -17.31
CA ARG A 70 6.67 12.98 -17.33
C ARG A 70 6.35 13.21 -15.84
N ILE A 71 5.97 12.16 -15.13
N ILE A 71 5.89 12.17 -15.15
CA ILE A 71 5.66 12.28 -13.73
CA ILE A 71 5.63 12.27 -13.70
C ILE A 71 6.90 11.94 -12.92
C ILE A 71 6.90 11.94 -12.92
N GLN A 72 7.43 12.92 -12.20
CA GLN A 72 8.67 12.70 -11.42
C GLN A 72 8.24 12.79 -9.98
N ASN A 73 7.94 11.63 -9.38
CA ASN A 73 7.45 11.63 -8.02
C ASN A 73 8.43 10.73 -7.26
N ALA A 74 9.35 11.38 -6.50
CA ALA A 74 10.48 10.64 -5.95
C ALA A 74 10.04 9.57 -4.95
N PHE A 75 9.09 9.92 -4.08
CA PHE A 75 8.60 8.96 -3.07
C PHE A 75 7.88 7.76 -3.68
N LEU A 76 7.00 8.02 -4.65
CA LEU A 76 6.34 6.90 -5.30
C LEU A 76 7.33 6.02 -6.01
N TRP A 77 8.32 6.65 -6.67
CA TRP A 77 9.30 5.90 -7.42
C TRP A 77 10.08 4.98 -6.45
N GLN A 78 10.47 5.55 -5.32
CA GLN A 78 11.27 4.83 -4.31
CA GLN A 78 11.29 4.80 -4.37
C GLN A 78 10.52 3.59 -3.85
N SER A 79 9.25 3.79 -3.49
CA SER A 79 8.44 2.68 -2.97
C SER A 79 8.20 1.63 -4.02
N TYR A 80 7.94 2.11 -5.25
CA TYR A 80 7.79 1.18 -6.37
C TYR A 80 9.04 0.34 -6.63
N GLN A 81 10.21 1.01 -6.66
CA GLN A 81 11.47 0.31 -6.92
C GLN A 81 11.81 -0.72 -5.86
N VAL A 82 11.44 -0.43 -4.63
CA VAL A 82 11.59 -1.41 -3.56
C VAL A 82 10.76 -2.63 -3.83
N LYS A 83 9.50 -2.43 -4.23
CA LYS A 83 8.60 -3.53 -4.57
CA LYS A 83 8.61 -3.54 -4.56
CA LYS A 83 8.60 -3.53 -4.57
C LYS A 83 9.16 -4.32 -5.76
N LYS A 84 9.70 -3.61 -6.73
CA LYS A 84 10.26 -4.28 -7.89
C LYS A 84 11.44 -5.15 -7.50
N ARG A 85 12.35 -4.60 -6.69
CA ARG A 85 13.50 -5.40 -6.23
C ARG A 85 13.03 -6.63 -5.48
N GLN A 86 11.99 -6.46 -4.68
CA GLN A 86 11.44 -7.61 -3.91
C GLN A 86 10.82 -8.66 -4.82
N MET A 87 10.05 -8.19 -5.79
CA MET A 87 9.41 -9.10 -6.75
C MET A 87 10.45 -9.88 -7.61
N ASP A 88 11.54 -9.21 -7.97
CA ASP A 88 12.59 -9.83 -8.78
C ASP A 88 13.27 -10.93 -7.97
N ILE A 89 13.44 -10.68 -6.67
CA ILE A 89 13.99 -11.70 -5.74
C ILE A 89 13.04 -12.86 -5.56
N LYS A 90 11.77 -12.56 -5.22
CA LYS A 90 10.77 -13.58 -4.92
C LYS A 90 10.53 -14.47 -6.14
N ASN A 91 10.43 -13.87 -7.32
CA ASN A 91 10.15 -14.63 -8.52
C ASN A 91 11.34 -15.26 -9.21
N ASP A 92 12.55 -14.72 -8.96
CA ASP A 92 13.83 -15.30 -9.36
C ASP A 92 13.95 -15.53 -10.87
N HIS A 93 14.59 -14.59 -11.58
CA HIS A 93 14.68 -14.59 -13.06
C HIS A 93 13.31 -14.50 -13.75
N LYS A 94 12.56 -13.45 -13.44
CA LYS A 94 11.34 -13.12 -14.20
C LYS A 94 11.37 -11.68 -14.68
N ASN A 95 10.60 -11.43 -15.73
CA ASN A 95 10.39 -10.09 -16.23
C ASN A 95 9.09 -9.70 -15.59
N ASN A 96 9.19 -8.95 -14.49
CA ASN A 96 8.01 -8.68 -13.69
C ASN A 96 7.24 -7.41 -14.01
N GLU A 97 7.78 -6.56 -14.86
CA GLU A 97 7.22 -5.27 -15.12
C GLU A 97 6.69 -5.20 -16.54
N ARG A 98 5.54 -4.56 -16.72
CA ARG A 98 4.89 -4.31 -18.03
C ARG A 98 4.55 -2.83 -18.08
N LEU A 99 4.54 -2.23 -19.26
CA LEU A 99 4.08 -0.87 -19.38
C LEU A 99 2.64 -0.90 -19.90
N LEU A 100 1.71 -0.34 -19.12
CA LEU A 100 0.27 -0.47 -19.34
C LEU A 100 -0.39 0.91 -19.31
N PHE A 101 -1.67 0.99 -19.60
CA PHE A 101 -2.39 2.26 -19.66
C PHE A 101 -3.46 2.34 -18.62
N HIS A 102 -3.74 3.55 -18.17
CA HIS A 102 -4.84 3.73 -17.24
C HIS A 102 -5.54 5.02 -17.51
N GLY A 103 -6.80 4.90 -17.92
CA GLY A 103 -7.64 6.08 -18.22
C GLY A 103 -8.31 6.48 -16.90
N THR A 104 -8.35 7.78 -16.65
CA THR A 104 -9.08 8.26 -15.48
C THR A 104 -9.73 9.60 -15.71
N ASP A 105 -10.56 10.05 -14.77
CA ASP A 105 -11.20 11.35 -14.88
C ASP A 105 -10.26 12.44 -14.41
N ALA A 106 -10.52 13.68 -14.84
CA ALA A 106 -9.63 14.80 -14.51
C ALA A 106 -9.55 15.03 -13.01
N ASP A 107 -10.64 14.75 -12.30
CA ASP A 107 -10.65 14.99 -10.87
C ASP A 107 -9.75 14.03 -10.10
N SER A 108 -9.41 12.88 -10.70
CA SER A 108 -8.48 11.92 -10.06
C SER A 108 -7.01 12.18 -10.37
N VAL A 109 -6.73 13.02 -11.37
CA VAL A 109 -5.34 13.21 -11.80
C VAL A 109 -4.38 13.77 -10.71
N PRO A 110 -4.78 14.83 -9.96
CA PRO A 110 -3.87 15.35 -8.92
C PRO A 110 -3.53 14.27 -7.88
N TYR A 111 -4.53 13.50 -7.49
CA TYR A 111 -4.29 12.38 -6.55
C TYR A 111 -3.32 11.36 -7.14
N VAL A 112 -3.57 10.90 -8.37
CA VAL A 112 -2.71 9.85 -8.91
C VAL A 112 -1.28 10.37 -9.05
N ASN A 113 -1.15 11.64 -9.51
CA ASN A 113 0.17 12.18 -9.71
C ASN A 113 0.98 12.15 -8.41
N GLN A 114 0.29 12.46 -7.31
CA GLN A 114 0.95 12.62 -6.02
C GLN A 114 1.03 11.30 -5.25
N HIS A 115 0.00 10.48 -5.37
CA HIS A 115 -0.12 9.32 -4.49
C HIS A 115 -0.19 7.99 -5.19
N GLY A 116 -0.23 8.02 -6.51
CA GLY A 116 -0.35 6.80 -7.29
C GLY A 116 -1.75 6.21 -7.26
N PHE A 117 -1.83 4.91 -7.46
CA PHE A 117 -3.11 4.27 -7.64
C PHE A 117 -3.58 3.68 -6.34
N ASN A 118 -4.88 3.79 -6.11
CA ASN A 118 -5.45 3.37 -4.84
C ASN A 118 -6.71 2.57 -5.07
N ARG A 119 -6.64 1.29 -4.73
CA ARG A 119 -7.75 0.36 -4.93
C ARG A 119 -9.00 0.76 -4.16
N SER A 120 -8.82 1.56 -3.11
CA SER A 120 -9.95 1.96 -2.27
C SER A 120 -10.79 3.09 -2.87
N CYS A 121 -10.34 3.67 -3.99
CA CYS A 121 -11.04 4.83 -4.57
C CYS A 121 -12.20 4.50 -5.51
N ASN A 125 -16.64 2.39 -11.74
CA ASN A 125 -16.49 1.39 -12.80
C ASN A 125 -16.61 -0.04 -12.26
N ALA A 126 -16.73 -1.01 -13.18
CA ALA A 126 -16.77 -2.43 -12.85
C ALA A 126 -15.43 -2.96 -12.25
N VAL A 127 -15.59 -3.97 -11.40
CA VAL A 127 -14.49 -4.61 -10.69
C VAL A 127 -14.63 -6.14 -10.88
N SER A 128 -15.01 -6.50 -12.10
CA SER A 128 -15.34 -7.88 -12.41
C SER A 128 -14.18 -8.88 -12.33
N TYR A 129 -12.91 -8.42 -12.33
CA TYR A 129 -11.80 -9.34 -12.15
C TYR A 129 -11.16 -9.17 -10.78
N GLY A 130 -11.82 -8.42 -9.91
CA GLY A 130 -11.31 -8.18 -8.52
C GLY A 130 -11.29 -6.71 -8.16
N LYS A 131 -11.26 -6.43 -6.84
CA LYS A 131 -11.31 -5.06 -6.32
C LYS A 131 -9.85 -4.55 -6.19
N GLY A 132 -9.30 -4.16 -7.34
CA GLY A 132 -7.94 -3.69 -7.46
C GLY A 132 -7.94 -2.53 -8.43
N THR A 133 -6.76 -2.09 -8.84
CA THR A 133 -6.64 -1.05 -9.87
C THR A 133 -6.40 -1.76 -11.22
N TYR A 134 -7.10 -1.26 -12.25
CA TYR A 134 -7.14 -1.87 -13.59
C TYR A 134 -6.24 -1.14 -14.55
N PHE A 135 -5.49 -1.91 -15.31
CA PHE A 135 -4.59 -1.37 -16.34
C PHE A 135 -4.79 -2.12 -17.64
N ALA A 136 -4.75 -1.37 -18.74
CA ALA A 136 -5.01 -1.95 -20.07
C ALA A 136 -3.72 -2.17 -20.85
N VAL A 137 -3.70 -3.27 -21.62
CA VAL A 137 -2.60 -3.55 -22.50
C VAL A 137 -2.62 -2.53 -23.66
N ASP A 138 -3.82 -2.26 -24.17
CA ASP A 138 -4.00 -1.32 -25.30
C ASP A 138 -4.53 0.00 -24.85
N ALA A 139 -3.93 1.08 -25.36
CA ALA A 139 -4.43 2.41 -25.04
C ALA A 139 -5.90 2.58 -25.41
N SER A 140 -6.35 1.92 -26.46
CA SER A 140 -7.73 2.06 -26.90
C SER A 140 -8.78 1.64 -25.89
N LEU A 141 -8.42 0.67 -25.05
CA LEU A 141 -9.31 0.25 -23.96
C LEU A 141 -9.40 1.37 -22.92
N SER A 142 -8.25 1.93 -22.50
CA SER A 142 -8.28 3.05 -21.52
C SER A 142 -8.89 4.34 -22.10
N ALA A 143 -8.93 4.42 -23.44
CA ALA A 143 -9.47 5.58 -24.12
C ALA A 143 -10.99 5.64 -24.10
N LYS A 144 -11.66 4.57 -23.69
CA LYS A 144 -13.12 4.61 -23.56
C LYS A 144 -13.52 5.75 -22.62
N ASP A 145 -14.59 6.49 -22.97
CA ASP A 145 -15.07 7.56 -22.11
C ASP A 145 -15.43 7.10 -20.69
N THR A 146 -15.77 5.80 -20.53
CA THR A 146 -16.13 5.31 -19.21
C THR A 146 -14.92 5.33 -18.25
N TYR A 147 -13.71 5.36 -18.82
CA TYR A 147 -12.46 5.38 -18.02
C TYR A 147 -11.79 6.73 -18.08
N SER A 148 -11.32 7.12 -19.28
CA SER A 148 -10.78 8.48 -19.47
C SER A 148 -11.92 9.48 -19.76
N LYS A 149 -12.71 9.78 -18.73
CA LYS A 149 -13.89 10.61 -18.87
C LYS A 149 -13.52 11.97 -19.43
N PRO A 150 -14.16 12.39 -20.54
CA PRO A 150 -13.86 13.73 -21.04
C PRO A 150 -14.34 14.78 -20.07
N ASP A 151 -13.45 15.74 -19.81
CA ASP A 151 -13.74 16.80 -18.86
C ASP A 151 -14.60 17.86 -19.54
N SER A 152 -14.91 18.93 -18.81
CA SER A 152 -15.84 19.96 -19.28
C SER A 152 -15.33 20.71 -20.52
N ASN A 153 -14.08 20.44 -20.88
CA ASN A 153 -13.45 20.99 -22.09
C ASN A 153 -13.25 19.95 -23.19
N GLY A 154 -13.59 18.67 -22.94
CA GLY A 154 -13.40 17.61 -23.94
C GLY A 154 -12.06 16.86 -23.77
N ARG A 155 -11.25 17.31 -22.83
CA ARG A 155 -9.93 16.70 -22.61
C ARG A 155 -10.09 15.40 -21.84
N LYS A 156 -9.32 14.41 -22.28
CA LYS A 156 -9.29 13.08 -21.68
C LYS A 156 -7.86 12.83 -21.18
N HIS A 157 -7.74 11.95 -20.19
CA HIS A 157 -6.46 11.76 -19.50
C HIS A 157 -6.17 10.30 -19.36
N MET A 158 -4.95 9.91 -19.73
CA MET A 158 -4.55 8.50 -19.62
C MET A 158 -3.14 8.44 -19.19
N TYR A 159 -2.86 7.60 -18.20
CA TYR A 159 -1.49 7.37 -17.78
C TYR A 159 -0.85 6.24 -18.51
N VAL A 160 0.49 6.33 -18.67
CA VAL A 160 1.29 5.23 -19.07
C VAL A 160 2.00 4.81 -17.80
N VAL A 161 1.88 3.52 -17.44
CA VAL A 161 2.15 3.09 -16.04
C VAL A 161 3.10 1.92 -16.04
N ARG A 162 4.14 1.96 -15.20
CA ARG A 162 4.98 0.77 -15.01
C ARG A 162 4.25 -0.09 -13.98
N VAL A 163 3.90 -1.32 -14.35
CA VAL A 163 3.10 -2.16 -13.45
C VAL A 163 3.85 -3.45 -13.16
N LEU A 164 3.93 -3.82 -11.89
CA LEU A 164 4.58 -5.07 -11.51
C LEU A 164 3.55 -6.20 -11.62
N THR A 165 3.33 -6.66 -12.86
CA THR A 165 2.36 -7.75 -13.09
C THR A 165 2.89 -9.10 -12.62
N GLY A 166 4.21 -9.27 -12.60
CA GLY A 166 4.84 -10.50 -12.08
C GLY A 166 4.24 -11.77 -12.68
N VAL A 167 3.99 -12.73 -11.80
CA VAL A 167 3.31 -13.97 -12.21
C VAL A 167 1.82 -13.77 -12.01
N PHE A 168 1.01 -14.07 -13.03
CA PHE A 168 -0.41 -13.74 -12.94
C PHE A 168 -1.30 -14.90 -13.25
N THR A 169 -2.56 -14.76 -12.87
CA THR A 169 -3.55 -15.81 -13.11
C THR A 169 -4.84 -15.13 -13.52
N LYS A 170 -5.86 -15.89 -13.91
CA LYS A 170 -7.14 -15.30 -14.25
C LYS A 170 -7.83 -14.77 -13.01
N GLY A 171 -8.40 -13.57 -13.11
CA GLY A 171 -9.11 -13.01 -11.98
C GLY A 171 -10.56 -13.40 -12.01
N ARG A 172 -11.29 -12.89 -11.02
CA ARG A 172 -12.74 -13.17 -10.88
CA ARG A 172 -12.74 -13.16 -10.88
C ARG A 172 -13.31 -12.15 -9.92
N ALA A 173 -14.63 -11.99 -9.95
CA ALA A 173 -15.29 -10.99 -9.13
C ALA A 173 -15.09 -11.28 -7.67
N GLY A 174 -14.89 -10.20 -6.93
CA GLY A 174 -14.83 -10.29 -5.46
C GLY A 174 -13.46 -10.49 -4.84
N LEU A 175 -12.43 -10.74 -5.66
CA LEU A 175 -11.06 -10.89 -5.12
C LEU A 175 -10.65 -9.60 -4.46
N VAL A 176 -10.02 -9.71 -3.30
CA VAL A 176 -9.42 -8.52 -2.65
C VAL A 176 -7.90 -8.54 -2.71
N THR A 177 -7.32 -9.70 -2.98
CA THR A 177 -5.90 -9.91 -3.29
C THR A 177 -5.86 -10.92 -4.42
N PRO A 178 -4.70 -11.09 -5.09
CA PRO A 178 -4.67 -12.21 -6.02
C PRO A 178 -4.79 -13.56 -5.30
N PRO A 179 -5.21 -14.59 -6.04
CA PRO A 179 -5.30 -15.95 -5.51
C PRO A 179 -3.93 -16.48 -5.09
N PRO A 180 -3.91 -17.49 -4.21
CA PRO A 180 -2.67 -18.20 -3.97
C PRO A 180 -2.26 -19.04 -5.16
N LYS A 181 -0.97 -19.23 -5.36
CA LYS A 181 -0.47 -20.09 -6.44
C LYS A 181 -0.86 -21.55 -6.24
N ASN A 182 -0.98 -21.96 -4.98
CA ASN A 182 -1.39 -23.29 -4.60
C ASN A 182 -2.04 -23.12 -3.23
N PRO A 183 -3.32 -23.51 -3.09
CA PRO A 183 -4.06 -23.36 -1.81
C PRO A 183 -3.47 -24.17 -0.63
N HIS A 184 -2.46 -24.99 -0.88
CA HIS A 184 -1.65 -25.60 0.19
C HIS A 184 -0.76 -24.60 0.93
N ASN A 185 -0.20 -23.64 0.20
CA ASN A 185 0.47 -22.45 0.81
C ASN A 185 -0.39 -21.20 0.52
N PRO A 186 -1.43 -20.93 1.36
CA PRO A 186 -2.40 -19.89 1.05
C PRO A 186 -1.82 -18.47 1.09
N THR A 187 -0.59 -18.28 1.60
CA THR A 187 -0.04 -16.91 1.67
C THR A 187 0.91 -16.58 0.53
N ASP A 188 1.29 -17.56 -0.27
CA ASP A 188 2.18 -17.28 -1.39
C ASP A 188 1.32 -16.97 -2.63
N LEU A 189 1.24 -15.69 -2.99
CA LEU A 189 0.17 -15.23 -3.89
C LEU A 189 0.70 -15.00 -5.29
N PHE A 190 -0.18 -15.10 -6.28
CA PHE A 190 0.12 -14.47 -7.57
C PHE A 190 0.32 -12.97 -7.37
N ASP A 191 1.02 -12.34 -8.31
CA ASP A 191 1.32 -10.92 -8.20
C ASP A 191 0.18 -10.04 -8.73
N SER A 192 -0.57 -10.54 -9.70
CA SER A 192 -1.67 -9.78 -10.29
C SER A 192 -2.64 -10.78 -10.92
N VAL A 193 -3.77 -10.27 -11.41
CA VAL A 193 -4.67 -11.11 -12.13
C VAL A 193 -4.95 -10.48 -13.49
N THR A 194 -5.52 -11.28 -14.39
CA THR A 194 -5.80 -10.78 -15.75
C THR A 194 -7.14 -11.34 -16.21
N ASN A 195 -7.63 -10.87 -17.35
CA ASN A 195 -8.86 -11.46 -17.93
C ASN A 195 -8.54 -12.76 -18.69
N ASN A 196 -7.31 -12.93 -19.18
CA ASN A 196 -6.96 -14.09 -20.02
C ASN A 196 -5.47 -14.29 -19.94
N THR A 197 -5.01 -15.43 -19.44
CA THR A 197 -3.58 -15.60 -19.13
C THR A 197 -2.76 -15.78 -20.38
N ARG A 198 -3.39 -16.36 -21.40
CA ARG A 198 -2.71 -16.63 -22.65
C ARG A 198 -2.55 -15.35 -23.48
N SER A 199 -3.59 -14.50 -23.51
CA SER A 199 -3.59 -13.30 -24.32
CA SER A 199 -3.58 -13.29 -24.33
C SER A 199 -4.19 -12.16 -23.50
N PRO A 200 -3.43 -11.65 -22.52
CA PRO A 200 -4.05 -10.69 -21.61
C PRO A 200 -4.36 -9.37 -22.27
N LYS A 201 -5.46 -8.75 -21.87
CA LYS A 201 -5.76 -7.39 -22.31
C LYS A 201 -5.88 -6.41 -21.17
N LEU A 202 -5.97 -6.94 -19.94
CA LEU A 202 -6.01 -6.05 -18.75
C LEU A 202 -5.30 -6.78 -17.61
N PHE A 203 -4.83 -5.99 -16.64
CA PHE A 203 -4.26 -6.55 -15.43
C PHE A 203 -4.82 -5.77 -14.26
N VAL A 204 -4.97 -6.46 -13.15
CA VAL A 204 -5.47 -5.85 -11.93
C VAL A 204 -4.39 -6.08 -10.87
N VAL A 205 -4.03 -5.00 -10.14
CA VAL A 205 -3.08 -5.16 -8.98
C VAL A 205 -3.81 -4.70 -7.74
N PHE A 206 -3.38 -5.24 -6.58
CA PHE A 206 -4.18 -5.11 -5.38
C PHE A 206 -3.42 -4.49 -4.25
N PHE A 207 -2.22 -3.98 -4.53
CA PHE A 207 -1.38 -3.40 -3.46
C PHE A 207 -0.85 -2.07 -3.89
N ASP A 208 -0.59 -1.21 -2.92
CA ASP A 208 -0.07 0.08 -3.19
C ASP A 208 1.35 -0.08 -3.70
N ASN A 209 1.76 0.83 -4.53
CA ASN A 209 3.20 0.85 -4.93
C ASN A 209 3.59 -0.39 -5.81
N GLN A 210 2.57 -1.03 -6.42
CA GLN A 210 2.83 -2.03 -7.46
C GLN A 210 2.71 -1.42 -8.83
N ALA A 211 2.41 -0.12 -8.87
CA ALA A 211 2.27 0.60 -10.16
C ALA A 211 2.81 2.01 -10.04
N TYR A 212 3.62 2.44 -10.98
CA TYR A 212 4.19 3.80 -10.96
C TYR A 212 3.64 4.53 -12.19
N PRO A 213 2.90 5.64 -11.97
CA PRO A 213 2.38 6.42 -13.11
C PRO A 213 3.57 7.20 -13.71
N GLU A 214 4.00 6.82 -14.92
CA GLU A 214 5.23 7.36 -15.46
C GLU A 214 4.97 8.54 -16.35
N TYR A 215 3.92 8.47 -17.16
CA TYR A 215 3.55 9.60 -18.06
C TYR A 215 2.08 9.85 -18.01
N LEU A 216 1.67 11.10 -18.23
CA LEU A 216 0.27 11.45 -18.32
C LEU A 216 0.07 12.01 -19.71
N ILE A 217 -0.84 11.38 -20.45
CA ILE A 217 -1.18 11.85 -21.82
C ILE A 217 -2.50 12.59 -21.71
N THR A 218 -2.50 13.84 -22.18
CA THR A 218 -3.73 14.60 -22.27
C THR A 218 -4.11 14.65 -23.75
N PHE A 219 -5.34 14.29 -24.07
CA PHE A 219 -5.70 14.08 -25.50
C PHE A 219 -7.19 14.29 -25.72
N THR A 220 -7.59 14.36 -26.99
CA THR A 220 -9.03 14.47 -27.32
C THR A 220 -9.40 13.47 -28.39
N ALA A 221 -10.70 13.19 -28.53
CA ALA A 221 -11.20 12.26 -29.55
C ALA A 221 -11.10 12.83 -30.99
N LEU B 25 18.57 -4.76 7.36
CA LEU B 25 17.86 -5.49 8.48
C LEU B 25 18.49 -5.21 9.85
N PRO B 26 17.68 -5.07 10.92
CA PRO B 26 18.29 -4.70 12.23
C PRO B 26 19.29 -5.75 12.72
N GLU B 27 20.39 -5.30 13.32
CA GLU B 27 21.49 -6.22 13.62
CA GLU B 27 21.50 -6.21 13.62
C GLU B 27 21.23 -7.26 14.71
N HIS B 28 20.26 -6.98 15.56
CA HIS B 28 19.88 -7.96 16.60
C HIS B 28 18.84 -9.01 16.16
N TRP B 29 18.36 -8.95 14.91
CA TRP B 29 17.52 -10.04 14.41
C TRP B 29 18.37 -11.31 14.32
N THR B 30 17.72 -12.45 14.43
CA THR B 30 18.44 -13.71 14.24
C THR B 30 18.79 -13.80 12.77
N ASP B 31 19.92 -14.45 12.48
CA ASP B 31 20.37 -14.71 11.14
C ASP B 31 19.34 -15.58 10.48
N MET B 32 18.87 -15.14 9.33
CA MET B 32 17.84 -15.89 8.66
C MET B 32 18.41 -16.84 7.61
N ASN B 33 19.74 -16.74 7.42
CA ASN B 33 20.49 -17.36 6.32
C ASN B 33 19.66 -17.42 5.05
N HIS B 34 19.54 -16.25 4.43
CA HIS B 34 18.91 -16.06 3.12
C HIS B 34 17.39 -16.36 3.07
N GLN B 35 16.79 -16.80 4.18
CA GLN B 35 15.33 -16.76 4.32
C GLN B 35 14.89 -15.31 4.51
N LEU B 36 13.65 -15.02 4.19
CA LEU B 36 13.18 -13.64 4.18
C LEU B 36 12.14 -13.40 5.27
N PHE B 37 11.81 -14.48 6.00
CA PHE B 37 10.78 -14.41 7.02
C PHE B 37 11.05 -15.43 8.13
N CYS B 38 10.90 -15.00 9.39
CA CYS B 38 11.04 -15.90 10.54
CA CYS B 38 10.76 -15.97 10.47
C CYS B 38 10.25 -15.34 11.74
N MET B 39 9.71 -16.20 12.58
CA MET B 39 9.11 -15.78 13.87
C MET B 39 10.07 -16.29 14.94
N VAL B 40 10.47 -15.41 15.84
CA VAL B 40 11.48 -15.75 16.85
C VAL B 40 10.82 -15.71 18.22
N GLN B 41 10.78 -16.86 18.89
CA GLN B 41 10.19 -16.92 20.22
C GLN B 41 11.09 -16.26 21.26
N LEU B 42 10.58 -15.27 21.98
CA LEU B 42 11.39 -14.53 22.93
C LEU B 42 11.41 -15.23 24.28
N GLU B 43 12.50 -15.00 25.02
CA GLU B 43 12.61 -15.56 26.39
C GLU B 43 12.17 -14.63 27.50
N PRO B 44 11.27 -15.09 28.41
CA PRO B 44 10.98 -14.24 29.55
C PRO B 44 12.24 -13.93 30.33
N GLY B 45 12.30 -12.75 30.89
CA GLY B 45 13.53 -12.34 31.57
C GLY B 45 14.45 -11.50 30.68
N GLN B 46 14.41 -11.68 29.37
CA GLN B 46 15.11 -10.76 28.49
C GLN B 46 14.33 -9.42 28.51
N SER B 47 15.07 -8.32 28.44
CA SER B 47 14.44 -6.98 28.36
C SER B 47 13.41 -6.88 27.22
N GLU B 48 13.72 -7.50 26.09
CA GLU B 48 12.86 -7.44 24.89
C GLU B 48 11.48 -8.05 25.21
N TYR B 49 11.44 -9.22 25.86
CA TYR B 49 10.18 -9.83 26.22
C TYR B 49 9.50 -9.04 27.31
N ASN B 50 10.26 -8.64 28.32
CA ASN B 50 9.67 -7.94 29.46
C ASN B 50 9.03 -6.62 29.07
N THR B 51 9.61 -5.87 28.13
CA THR B 51 9.03 -4.54 27.79
C THR B 51 7.66 -4.73 27.13
N ILE B 52 7.55 -5.76 26.28
CA ILE B 52 6.28 -6.06 25.63
C ILE B 52 5.28 -6.59 26.65
N LYS B 53 5.74 -7.53 27.48
CA LYS B 53 4.83 -8.05 28.49
C LYS B 53 4.31 -6.91 29.39
N ASP B 54 5.17 -5.98 29.79
CA ASP B 54 4.74 -4.86 30.62
C ASP B 54 3.76 -3.93 29.90
N LYS B 55 4.03 -3.65 28.64
CA LYS B 55 3.13 -2.81 27.83
C LYS B 55 1.73 -3.44 27.74
N PHE B 56 1.67 -4.76 27.56
CA PHE B 56 0.42 -5.50 27.48
C PHE B 56 -0.26 -5.53 28.86
N THR B 57 0.51 -5.89 29.90
CA THR B 57 -0.13 -6.11 31.23
C THR B 57 -0.61 -4.81 31.88
N ARG B 58 -0.11 -3.66 31.42
CA ARG B 58 -0.57 -2.34 31.85
CA ARG B 58 -0.55 -2.36 31.87
C ARG B 58 -2.09 -2.27 31.80
N THR B 59 -2.70 -2.83 30.75
CA THR B 59 -4.18 -2.82 30.63
C THR B 59 -4.84 -4.20 30.56
N CYS B 60 -4.04 -5.25 30.44
CA CYS B 60 -4.55 -6.62 30.34
C CYS B 60 -4.06 -7.58 31.40
N SER B 61 -3.92 -7.11 32.63
CA SER B 61 -3.34 -7.96 33.66
C SER B 61 -4.22 -9.17 34.02
N SER B 62 -5.50 -9.20 33.60
CA SER B 62 -6.33 -10.40 33.83
C SER B 62 -6.05 -11.56 32.86
N TYR B 63 -5.32 -11.31 31.77
CA TYR B 63 -4.98 -12.33 30.79
C TYR B 63 -3.59 -12.83 31.07
N ALA B 64 -3.25 -13.99 30.49
CA ALA B 64 -1.92 -14.55 30.70
C ALA B 64 -1.28 -14.79 29.35
N ILE B 65 -0.02 -14.36 29.22
CA ILE B 65 0.73 -14.57 27.98
C ILE B 65 1.26 -16.00 27.84
N GLU B 66 0.96 -16.60 26.70
CA GLU B 66 1.57 -17.89 26.34
C GLU B 66 2.97 -17.69 25.81
N LYS B 67 3.10 -16.82 24.82
CA LYS B 67 4.44 -16.59 24.24
C LYS B 67 4.41 -15.25 23.52
N ILE B 68 5.60 -14.72 23.27
CA ILE B 68 5.77 -13.48 22.48
C ILE B 68 6.77 -13.82 21.40
N GLU B 69 6.39 -13.57 20.15
CA GLU B 69 7.31 -13.83 19.04
C GLU B 69 7.68 -12.55 18.35
N ARG B 70 8.99 -12.40 18.07
CA ARG B 70 9.45 -11.31 17.22
C ARG B 70 9.24 -11.70 15.77
N ILE B 71 8.58 -10.81 15.01
CA ILE B 71 8.34 -11.02 13.57
C ILE B 71 9.46 -10.40 12.79
N GLN B 72 10.18 -11.25 12.05
CA GLN B 72 11.26 -10.78 11.22
C GLN B 72 10.83 -11.00 9.80
N ASN B 73 10.35 -9.93 9.16
CA ASN B 73 9.86 -10.07 7.80
C ASN B 73 10.59 -9.04 6.99
N ALA B 74 11.57 -9.52 6.20
CA ALA B 74 12.51 -8.61 5.57
C ALA B 74 11.82 -7.61 4.61
N PHE B 75 10.95 -8.13 3.76
CA PHE B 75 10.27 -7.27 2.78
C PHE B 75 9.33 -6.25 3.42
N LEU B 76 8.54 -6.68 4.41
CA LEU B 76 7.68 -5.72 5.10
C LEU B 76 8.50 -4.66 5.80
N TRP B 77 9.64 -5.06 6.35
CA TRP B 77 10.46 -4.09 7.04
C TRP B 77 11.02 -3.05 6.07
N GLN B 78 11.55 -3.52 4.93
CA GLN B 78 12.10 -2.63 3.94
C GLN B 78 11.08 -1.59 3.47
N SER B 79 9.87 -2.05 3.17
CA SER B 79 8.87 -1.13 2.61
C SER B 79 8.41 -0.17 3.67
N TYR B 80 8.25 -0.68 4.89
CA TYR B 80 7.90 0.17 6.01
C TYR B 80 8.94 1.26 6.32
N GLN B 81 10.22 0.85 6.37
CA GLN B 81 11.27 1.79 6.66
C GLN B 81 11.42 2.88 5.59
N VAL B 82 11.18 2.51 4.32
CA VAL B 82 11.10 3.52 3.24
C VAL B 82 9.98 4.53 3.52
N LYS B 83 8.79 4.05 3.87
CA LYS B 83 7.71 4.98 4.21
CA LYS B 83 7.70 4.97 4.24
CA LYS B 83 7.70 4.96 4.22
C LYS B 83 8.04 5.85 5.43
N LYS B 84 8.72 5.27 6.43
CA LYS B 84 9.08 6.03 7.59
C LYS B 84 10.06 7.15 7.24
N ARG B 85 11.07 6.82 6.42
CA ARG B 85 12.06 7.81 6.03
C ARG B 85 11.36 8.93 5.27
N GLN B 86 10.41 8.56 4.42
CA GLN B 86 9.68 9.55 3.67
C GLN B 86 8.87 10.47 4.56
N MET B 87 8.20 9.89 5.57
CA MET B 87 7.41 10.69 6.47
C MET B 87 8.28 11.56 7.39
N ASP B 88 9.43 11.04 7.80
CA ASP B 88 10.39 11.81 8.57
C ASP B 88 10.89 13.02 7.75
N ILE B 89 11.05 12.86 6.43
CA ILE B 89 11.46 13.97 5.55
C ILE B 89 10.32 15.00 5.48
N LYS B 90 9.12 14.51 5.17
CA LYS B 90 7.99 15.36 4.86
C LYS B 90 7.55 16.16 6.08
N ASN B 91 7.45 15.49 7.22
CA ASN B 91 7.02 16.13 8.45
C ASN B 91 8.14 16.89 9.15
N ASP B 92 7.76 17.88 9.94
CA ASP B 92 8.75 18.77 10.54
C ASP B 92 9.17 18.25 11.94
N HIS B 93 10.27 17.50 12.00
CA HIS B 93 10.78 16.90 13.26
C HIS B 93 9.69 16.26 14.14
N LYS B 94 8.74 15.57 13.51
CA LYS B 94 7.68 14.88 14.23
C LYS B 94 8.17 13.49 14.72
N ASN B 95 7.58 13.04 15.81
CA ASN B 95 7.69 11.65 16.18
C ASN B 95 6.61 10.99 15.36
N ASN B 96 6.96 10.41 14.21
CA ASN B 96 5.94 9.84 13.33
C ASN B 96 5.47 8.44 13.65
N GLU B 97 6.20 7.76 14.53
CA GLU B 97 5.95 6.33 14.81
C GLU B 97 5.46 6.12 16.22
N ARG B 98 4.41 5.31 16.37
CA ARG B 98 3.92 4.92 17.68
CA ARG B 98 3.91 4.91 17.67
C ARG B 98 3.91 3.39 17.71
N LEU B 99 4.00 2.83 18.90
CA LEU B 99 3.95 1.40 19.04
C LEU B 99 2.55 1.04 19.55
N LEU B 100 1.77 0.37 18.73
CA LEU B 100 0.37 0.16 19.00
C LEU B 100 -0.02 -1.30 18.96
N PHE B 101 -1.26 -1.62 19.32
CA PHE B 101 -1.70 -2.99 19.33
C PHE B 101 -2.75 -3.28 18.27
N HIS B 102 -2.81 -4.54 17.83
CA HIS B 102 -3.82 -4.97 16.88
C HIS B 102 -4.23 -6.41 17.17
N GLY B 103 -5.47 -6.56 17.64
CA GLY B 103 -6.02 -7.89 17.93
C GLY B 103 -6.60 -8.41 16.64
N THR B 104 -6.36 -9.69 16.37
CA THR B 104 -6.96 -10.31 15.21
C THR B 104 -7.29 -11.78 15.43
N ASP B 105 -8.05 -12.34 14.52
CA ASP B 105 -8.41 -13.77 14.60
C ASP B 105 -7.27 -14.68 14.10
N ALA B 106 -7.27 -15.93 14.55
CA ALA B 106 -6.23 -16.91 14.17
C ALA B 106 -6.10 -17.08 12.67
N ASP B 107 -7.23 -17.00 11.97
CA ASP B 107 -7.24 -17.18 10.54
C ASP B 107 -6.44 -16.12 9.81
N SER B 108 -6.30 -14.94 10.40
CA SER B 108 -5.63 -13.80 9.76
C SER B 108 -4.14 -13.79 10.05
N VAL B 109 -3.72 -14.52 11.07
CA VAL B 109 -2.31 -14.46 11.53
C VAL B 109 -1.29 -14.82 10.45
N PRO B 110 -1.48 -15.92 9.68
CA PRO B 110 -0.50 -16.24 8.64
C PRO B 110 -0.35 -15.12 7.59
N TYR B 111 -1.48 -14.53 7.19
CA TYR B 111 -1.46 -13.46 6.22
C TYR B 111 -0.73 -12.24 6.79
N VAL B 112 -1.09 -11.79 8.01
CA VAL B 112 -0.46 -10.60 8.59
C VAL B 112 1.03 -10.85 8.73
N ASN B 113 1.40 -12.03 9.23
CA ASN B 113 2.85 -12.31 9.39
C ASN B 113 3.64 -12.14 8.09
N GLN B 114 3.07 -12.54 6.97
CA GLN B 114 3.75 -12.54 5.67
C GLN B 114 3.56 -11.24 4.92
N HIS B 115 2.36 -10.65 5.07
CA HIS B 115 1.96 -9.58 4.16
C HIS B 115 1.53 -8.31 4.85
N GLY B 116 1.48 -8.33 6.17
CA GLY B 116 1.13 -7.14 6.95
C GLY B 116 -0.35 -6.86 6.93
N PHE B 117 -0.68 -5.59 7.08
CA PHE B 117 -2.04 -5.18 7.32
C PHE B 117 -2.68 -4.62 6.07
N ASN B 118 -3.78 -5.26 5.70
CA ASN B 118 -4.44 -4.95 4.45
C ASN B 118 -5.81 -4.36 4.75
N ARG B 119 -5.97 -3.07 4.45
CA ARG B 119 -7.24 -2.38 4.69
C ARG B 119 -8.42 -3.08 4.02
N SER B 120 -8.17 -3.73 2.87
CA SER B 120 -9.23 -4.38 2.11
C SER B 120 -9.86 -5.57 2.85
N CYS B 121 -9.19 -6.02 3.90
CA CYS B 121 -9.66 -7.18 4.69
C CYS B 121 -10.29 -6.75 6.01
N ALA B 122 -10.22 -5.44 6.29
CA ALA B 122 -10.70 -4.89 7.58
C ALA B 122 -12.23 -4.86 7.61
N GLY B 123 -12.79 -5.25 8.74
CA GLY B 123 -14.24 -5.14 8.95
C GLY B 123 -14.57 -3.71 9.34
N LYS B 124 -15.87 -3.40 9.35
CA LYS B 124 -16.34 -2.13 9.90
C LYS B 124 -16.10 -2.13 11.41
N ASN B 125 -15.52 -1.07 11.94
CA ASN B 125 -15.37 -0.99 13.40
C ASN B 125 -16.71 -0.57 14.04
N ALA B 126 -16.96 -1.02 15.27
CA ALA B 126 -18.15 -0.58 16.06
C ALA B 126 -18.27 0.92 16.20
N VAL B 127 -17.13 1.62 16.29
CA VAL B 127 -17.15 3.08 16.15
C VAL B 127 -16.21 3.39 15.00
N SER B 128 -16.76 3.71 13.84
CA SER B 128 -15.93 3.88 12.65
C SER B 128 -15.45 5.31 12.49
N TYR B 129 -14.13 5.44 12.39
CA TYR B 129 -13.46 6.70 12.02
C TYR B 129 -12.87 6.60 10.65
N GLY B 130 -13.37 5.66 9.87
CA GLY B 130 -12.88 5.47 8.52
C GLY B 130 -12.61 4.03 8.19
N LYS B 131 -12.50 3.76 6.88
CA LYS B 131 -12.31 2.42 6.37
C LYS B 131 -10.82 2.20 6.24
N GLY B 132 -10.21 1.64 7.27
CA GLY B 132 -8.76 1.41 7.24
C GLY B 132 -8.45 0.36 8.28
N THR B 133 -7.17 0.21 8.59
CA THR B 133 -6.76 -0.77 9.62
C THR B 133 -6.66 -0.04 10.94
N TYR B 134 -7.26 -0.63 11.97
CA TYR B 134 -7.35 -0.01 13.31
C TYR B 134 -6.27 -0.52 14.24
N PHE B 135 -5.70 0.39 15.01
CA PHE B 135 -4.67 0.05 16.00
C PHE B 135 -5.00 0.73 17.28
N ALA B 136 -4.79 0.01 18.38
CA ALA B 136 -5.12 0.52 19.71
C ALA B 136 -3.92 1.02 20.48
N VAL B 137 -4.11 2.10 21.25
CA VAL B 137 -3.13 2.57 22.20
C VAL B 137 -3.00 1.57 23.34
N ASP B 138 -4.13 1.12 23.85
CA ASP B 138 -4.14 0.19 24.98
C ASP B 138 -4.41 -1.24 24.53
N ALA B 139 -3.62 -2.19 25.06
CA ALA B 139 -3.86 -3.60 24.78
C ALA B 139 -5.28 -4.05 25.16
N SER B 140 -5.87 -3.44 26.18
CA SER B 140 -7.23 -3.84 26.60
C SER B 140 -8.23 -3.73 25.48
N LEU B 141 -8.08 -2.70 24.62
CA LEU B 141 -8.98 -2.55 23.47
C LEU B 141 -8.82 -3.71 22.47
N SER B 142 -7.59 -3.98 22.07
CA SER B 142 -7.35 -5.07 21.16
C SER B 142 -7.66 -6.43 21.78
N ALA B 143 -7.68 -6.50 23.11
CA ALA B 143 -7.97 -7.78 23.79
C ALA B 143 -9.45 -8.18 23.73
N LYS B 144 -10.32 -7.30 23.26
CA LYS B 144 -11.74 -7.68 23.15
C LYS B 144 -11.90 -8.84 22.21
N ASP B 145 -12.80 -9.77 22.55
CA ASP B 145 -13.01 -10.92 21.70
C ASP B 145 -13.44 -10.57 20.30
N THR B 146 -14.05 -9.39 20.14
CA THR B 146 -14.47 -8.96 18.83
C THR B 146 -13.27 -8.73 17.90
N TYR B 147 -12.09 -8.45 18.49
CA TYR B 147 -10.84 -8.26 17.69
C TYR B 147 -9.92 -9.48 17.76
N SER B 148 -9.46 -9.78 18.97
CA SER B 148 -8.57 -10.95 19.17
C SER B 148 -9.46 -12.17 19.45
N LYS B 149 -10.16 -12.63 18.42
CA LYS B 149 -11.15 -13.71 18.57
C LYS B 149 -10.44 -14.96 19.12
N PRO B 150 -10.96 -15.53 20.23
CA PRO B 150 -10.31 -16.75 20.77
C PRO B 150 -10.43 -17.88 19.76
N ASP B 151 -9.35 -18.62 19.53
CA ASP B 151 -9.36 -19.71 18.56
C ASP B 151 -9.99 -20.97 19.21
N SER B 152 -9.99 -22.08 18.48
CA SER B 152 -10.64 -23.31 18.98
C SER B 152 -10.00 -23.87 20.25
N ASN B 153 -8.75 -23.47 20.53
CA ASN B 153 -8.06 -23.77 21.79
C ASN B 153 -8.07 -22.66 22.82
N GLY B 154 -8.83 -21.59 22.55
CA GLY B 154 -8.95 -20.53 23.53
C GLY B 154 -7.77 -19.55 23.51
N ARG B 155 -6.92 -19.64 22.48
CA ARG B 155 -5.80 -18.69 22.38
C ARG B 155 -6.27 -17.45 21.63
N LYS B 156 -5.84 -16.30 22.14
CA LYS B 156 -6.12 -15.01 21.53
C LYS B 156 -4.81 -14.47 21.00
N HIS B 157 -4.87 -13.63 19.97
CA HIS B 157 -3.66 -13.15 19.28
C HIS B 157 -3.70 -11.67 19.09
N MET B 158 -2.61 -11.03 19.47
CA MET B 158 -2.52 -9.57 19.35
C MET B 158 -1.11 -9.26 18.85
N TYR B 159 -1.07 -8.43 17.80
CA TYR B 159 0.17 -7.86 17.37
C TYR B 159 0.56 -6.59 18.10
N VAL B 160 1.88 -6.41 18.22
CA VAL B 160 2.46 -5.15 18.64
C VAL B 160 3.10 -4.61 17.38
N VAL B 161 2.72 -3.36 17.05
CA VAL B 161 2.91 -2.87 15.68
C VAL B 161 3.57 -1.49 15.72
N ARG B 162 4.63 -1.31 14.92
CA ARG B 162 5.16 0.06 14.68
C ARG B 162 4.23 0.66 13.63
N VAL B 163 3.60 1.78 13.99
CA VAL B 163 2.63 2.41 13.09
C VAL B 163 3.06 3.85 12.82
N LEU B 164 3.07 4.22 11.53
CA LEU B 164 3.40 5.59 11.13
C LEU B 164 2.14 6.47 11.24
N THR B 165 1.86 6.91 12.47
CA THR B 165 0.69 7.79 12.72
C THR B 165 0.94 9.21 12.22
N GLY B 166 2.19 9.65 12.17
CA GLY B 166 2.49 10.96 11.58
C GLY B 166 1.67 12.07 12.21
N VAL B 167 1.19 12.97 11.35
CA VAL B 167 0.32 14.04 11.74
C VAL B 167 -1.13 13.58 11.50
N PHE B 168 -1.94 13.66 12.56
CA PHE B 168 -3.27 13.04 12.51
C PHE B 168 -4.36 14.01 12.92
N THR B 169 -5.58 13.63 12.57
CA THR B 169 -6.75 14.41 12.95
C THR B 169 -7.86 13.45 13.32
N LYS B 170 -8.96 13.96 13.86
CA LYS B 170 -10.09 13.10 14.14
C LYS B 170 -10.68 12.58 12.83
N GLY B 171 -10.88 11.27 12.80
CA GLY B 171 -11.42 10.65 11.62
C GLY B 171 -12.95 10.79 11.51
N ARG B 172 -13.50 10.16 10.49
CA ARG B 172 -14.91 10.21 10.11
CA ARG B 172 -14.95 10.10 10.27
C ARG B 172 -15.28 8.91 9.40
N ALA B 173 -16.47 8.35 9.66
CA ALA B 173 -16.87 7.13 9.03
C ALA B 173 -16.84 7.33 7.51
N GLY B 174 -16.50 6.29 6.78
CA GLY B 174 -16.50 6.54 5.31
C GLY B 174 -15.31 7.25 4.65
N LEU B 175 -14.38 7.79 5.44
CA LEU B 175 -13.04 8.04 4.87
C LEU B 175 -12.48 6.79 4.27
N VAL B 176 -11.93 6.91 3.06
CA VAL B 176 -11.15 5.79 2.49
C VAL B 176 -9.66 6.10 2.44
N THR B 177 -9.32 7.36 2.68
CA THR B 177 -7.93 7.87 2.93
C THR B 177 -8.01 8.88 4.08
N PRO B 178 -6.86 9.33 4.66
CA PRO B 178 -7.01 10.37 5.63
C PRO B 178 -7.48 11.65 4.88
N PRO B 179 -8.13 12.53 5.63
CA PRO B 179 -8.58 13.76 5.02
C PRO B 179 -7.43 14.71 4.71
N PRO B 180 -7.73 15.68 3.82
CA PRO B 180 -6.70 16.70 3.54
C PRO B 180 -6.54 17.60 4.75
N LYS B 181 -5.33 18.16 4.87
CA LYS B 181 -5.05 19.16 5.90
CA LYS B 181 -5.05 19.16 5.90
C LYS B 181 -5.81 20.46 5.61
N ASN B 182 -6.00 20.72 4.32
CA ASN B 182 -6.54 22.00 3.87
C ASN B 182 -7.50 21.68 2.76
N PRO B 183 -8.75 22.17 2.86
CA PRO B 183 -9.73 21.75 1.87
C PRO B 183 -9.42 22.30 0.49
N HIS B 184 -8.61 23.37 0.42
CA HIS B 184 -8.27 23.94 -0.88
C HIS B 184 -7.07 23.25 -1.52
N ASN B 185 -6.55 22.23 -0.85
CA ASN B 185 -5.42 21.44 -1.41
C ASN B 185 -5.70 19.97 -1.13
N PRO B 186 -6.65 19.38 -1.88
CA PRO B 186 -7.21 18.08 -1.46
C PRO B 186 -6.19 16.92 -1.46
N THR B 187 -5.04 17.08 -2.11
CA THR B 187 -4.10 15.94 -2.20
C THR B 187 -3.05 15.96 -1.10
N ASP B 188 -3.01 17.00 -0.25
CA ASP B 188 -2.00 17.03 0.80
C ASP B 188 -2.64 16.53 2.13
N LEU B 189 -2.33 15.28 2.49
CA LEU B 189 -3.16 14.54 3.44
C LEU B 189 -2.53 14.48 4.82
N PHE B 190 -3.39 14.32 5.82
CA PHE B 190 -2.93 13.83 7.14
C PHE B 190 -2.38 12.41 6.94
N ASP B 191 -1.51 11.99 7.87
CA ASP B 191 -0.94 10.63 7.78
C ASP B 191 -1.84 9.55 8.31
N SER B 192 -2.68 9.88 9.28
CA SER B 192 -3.61 8.91 9.86
C SER B 192 -4.73 9.67 10.52
N VAL B 193 -5.70 8.94 11.05
CA VAL B 193 -6.76 9.58 11.84
C VAL B 193 -6.91 8.88 13.17
N THR B 194 -7.62 9.53 14.09
CA THR B 194 -7.76 9.00 15.45
C THR B 194 -9.19 9.24 15.89
N ASN B 195 -9.58 8.69 17.02
CA ASN B 195 -10.92 8.96 17.59
C ASN B 195 -10.95 10.33 18.29
N ASN B 196 -9.82 10.77 18.82
CA ASN B 196 -9.76 12.01 19.62
C ASN B 196 -8.35 12.52 19.65
N THR B 197 -8.11 13.73 19.16
CA THR B 197 -6.72 14.16 19.01
C THR B 197 -6.05 14.52 20.31
N ARG B 198 -6.85 14.96 21.28
CA ARG B 198 -6.36 15.29 22.62
C ARG B 198 -5.99 14.06 23.44
N SER B 199 -6.84 13.03 23.36
CA SER B 199 -6.63 11.77 24.06
CA SER B 199 -6.61 11.76 24.06
C SER B 199 -6.81 10.58 23.10
N PRO B 200 -5.81 10.36 22.20
CA PRO B 200 -6.04 9.28 21.21
C PRO B 200 -6.07 7.89 21.87
N LYS B 201 -7.05 7.09 21.51
CA LYS B 201 -7.09 5.69 21.93
C LYS B 201 -7.02 4.70 20.78
N LEU B 202 -7.28 5.17 19.56
CA LEU B 202 -7.10 4.30 18.38
C LEU B 202 -6.53 5.15 17.25
N PHE B 203 -5.87 4.49 16.29
CA PHE B 203 -5.45 5.20 15.07
C PHE B 203 -5.88 4.31 13.94
N VAL B 204 -6.19 4.95 12.82
CA VAL B 204 -6.57 4.24 11.62
C VAL B 204 -5.61 4.64 10.52
N VAL B 205 -5.06 3.63 9.83
CA VAL B 205 -4.18 3.95 8.69
C VAL B 205 -4.74 3.34 7.43
N PHE B 206 -4.45 4.03 6.33
CA PHE B 206 -5.16 3.76 5.09
C PHE B 206 -4.27 3.29 3.94
N PHE B 207 -3.00 3.02 4.23
CA PHE B 207 -2.08 2.65 3.18
C PHE B 207 -1.24 1.47 3.57
N ASP B 208 -0.81 0.69 2.57
CA ASP B 208 0.00 -0.46 2.82
C ASP B 208 1.36 -0.02 3.29
N ASN B 209 1.97 -0.85 4.12
CA ASN B 209 3.36 -0.55 4.56
C ASN B 209 3.47 0.75 5.42
N GLN B 210 2.35 1.16 6.04
CA GLN B 210 2.37 2.18 7.06
C GLN B 210 2.38 1.57 8.49
N ALA B 211 2.44 0.24 8.54
CA ALA B 211 2.40 -0.46 9.82
C ALA B 211 3.25 -1.70 9.69
N TYR B 212 4.20 -1.90 10.60
CA TYR B 212 5.04 -3.11 10.58
C TYR B 212 4.68 -3.99 11.82
N PRO B 213 4.15 -5.21 11.59
CA PRO B 213 3.83 -6.13 12.71
C PRO B 213 5.16 -6.61 13.31
N GLU B 214 5.43 -6.17 14.55
CA GLU B 214 6.75 -6.38 15.15
C GLU B 214 6.77 -7.58 16.09
N TYR B 215 5.70 -7.73 16.88
CA TYR B 215 5.62 -8.88 17.80
C TYR B 215 4.25 -9.47 17.70
N LEU B 216 4.16 -10.78 17.92
CA LEU B 216 2.87 -11.45 18.02
C LEU B 216 2.76 -11.97 19.42
N ILE B 217 1.76 -11.51 20.15
CA ILE B 217 1.50 -12.01 21.49
C ILE B 217 0.40 -13.06 21.38
N THR B 218 0.69 -14.27 21.87
CA THR B 218 -0.38 -15.28 22.01
C THR B 218 -0.73 -15.36 23.48
N PHE B 219 -2.02 -15.31 23.81
CA PHE B 219 -2.39 -15.19 25.21
C PHE B 219 -3.75 -15.85 25.45
N THR B 220 -4.05 -16.06 26.72
CA THR B 220 -5.30 -16.76 27.09
CA THR B 220 -5.27 -16.80 27.10
C THR B 220 -5.93 -16.08 28.27
N ALA B 221 -7.24 -16.29 28.46
CA ALA B 221 -7.92 -15.91 29.70
C ALA B 221 -7.40 -16.79 30.86
#